data_7YDT
#
_entry.id   7YDT
#
_cell.length_a   37.677
_cell.length_b   62.838
_cell.length_c   112.619
_cell.angle_alpha   90.000
_cell.angle_beta   90.000
_cell.angle_gamma   90.000
#
_symmetry.space_group_name_H-M   'P 21 2 21'
#
loop_
_entity.id
_entity.type
_entity.pdbx_description
1 polymer 'MPN domain containing protein'
2 water water
#
_entity_poly.entity_id   1
_entity_poly.type   'polypeptide(L)'
_entity_poly.pdbx_seq_one_letter_code
;GSAAPESLSPGATAEEAPEEDEDDAEAEDPERGTGSGGRSGSLGGSGGGTAGPGMALGGALTRRAVTLRVLLKDELLEPG
EGVLSIYYLGRKFTGDLQLDGRIVWQETGQVFNSPSAWATHCKKLVNPAKKSGCGWASVKYKGQKLDKYKAAWLRRHQLH
M
;
_entity_poly.pdbx_strand_id   A,B
#
# COMPACT_ATOMS: atom_id res chain seq x y z
N ARG A 63 -13.70 4.80 22.93
CA ARG A 63 -13.60 4.05 21.65
C ARG A 63 -12.93 4.94 20.58
N ARG A 64 -13.39 6.18 20.44
CA ARG A 64 -12.83 7.20 19.51
C ARG A 64 -11.36 7.45 19.82
N ALA A 65 -10.98 7.37 21.10
CA ALA A 65 -9.60 7.58 21.60
C ALA A 65 -8.64 6.56 20.95
N VAL A 66 -9.13 5.34 20.70
CA VAL A 66 -8.33 4.23 20.11
C VAL A 66 -8.21 4.49 18.60
N THR A 67 -7.13 5.14 18.19
CA THR A 67 -6.85 5.54 16.79
C THR A 67 -5.85 4.56 16.17
N LEU A 68 -5.61 4.65 14.86
CA LEU A 68 -4.58 3.87 14.14
C LEU A 68 -3.21 4.14 14.79
N ARG A 69 -2.95 5.40 15.16
CA ARG A 69 -1.71 5.83 15.86
C ARG A 69 -1.51 4.96 17.12
N VAL A 70 -2.56 4.82 17.93
CA VAL A 70 -2.54 4.06 19.22
C VAL A 70 -2.30 2.58 18.92
N LEU A 71 -3.01 2.01 17.93
CA LEU A 71 -2.91 0.59 17.54
C LEU A 71 -1.50 0.28 17.02
N LEU A 72 -0.89 1.21 16.29
CA LEU A 72 0.50 1.10 15.77
C LEU A 72 1.50 1.11 16.93
N LYS A 73 1.34 2.07 17.86
CA LYS A 73 2.25 2.27 19.02
C LYS A 73 2.32 0.99 19.87
N ASP A 74 1.16 0.35 20.13
CA ASP A 74 1.05 -0.87 20.99
C ASP A 74 1.11 -2.13 20.11
N GLU A 75 1.37 -1.96 18.81
CA GLU A 75 1.76 -3.05 17.86
C GLU A 75 0.60 -4.03 17.66
N LEU A 76 -0.65 -3.55 17.74
CA LEU A 76 -1.85 -4.29 17.27
C LEU A 76 -1.82 -4.35 15.73
N LEU A 77 -1.32 -3.28 15.11
CA LEU A 77 -1.15 -3.15 13.63
C LEU A 77 0.33 -2.87 13.32
N GLU A 78 0.77 -3.23 12.11
CA GLU A 78 2.09 -2.83 11.54
C GLU A 78 1.84 -1.83 10.42
N PRO A 79 2.74 -0.86 10.19
CA PRO A 79 2.64 0.02 9.02
C PRO A 79 2.94 -0.83 7.77
N GLY A 80 2.58 -0.33 6.59
CA GLY A 80 2.88 -1.03 5.33
C GLY A 80 2.05 -0.52 4.18
N GLU A 81 2.51 -0.82 2.96
CA GLU A 81 1.83 -0.47 1.69
C GLU A 81 0.72 -1.49 1.42
N GLY A 82 -0.45 -1.00 0.99
CA GLY A 82 -1.59 -1.81 0.51
C GLY A 82 -2.13 -2.78 1.56
N VAL A 83 -2.00 -2.47 2.86
CA VAL A 83 -2.46 -3.34 3.98
C VAL A 83 -3.90 -2.97 4.37
N LEU A 84 -4.40 -1.81 3.93
CA LEU A 84 -5.80 -1.37 4.17
C LEU A 84 -6.60 -1.52 2.87
N SER A 85 -7.87 -1.95 2.98
CA SER A 85 -8.78 -2.15 1.83
C SER A 85 -10.22 -1.78 2.21
N ILE A 86 -10.96 -1.23 1.25
CA ILE A 86 -12.44 -1.06 1.27
C ILE A 86 -13.00 -1.74 0.02
N TYR A 87 -14.08 -2.52 0.18
CA TYR A 87 -14.97 -2.98 -0.92
C TYR A 87 -16.33 -2.31 -0.74
N TYR A 88 -16.79 -1.58 -1.76
CA TYR A 88 -18.12 -0.92 -1.77
C TYR A 88 -18.71 -0.98 -3.18
N LEU A 89 -19.87 -1.65 -3.30
CA LEU A 89 -20.69 -1.79 -4.54
C LEU A 89 -19.79 -2.04 -5.75
N GLY A 90 -18.95 -3.08 -5.68
CA GLY A 90 -18.16 -3.59 -6.82
C GLY A 90 -16.76 -3.00 -6.88
N ARG A 91 -16.52 -1.84 -6.25
CA ARG A 91 -15.23 -1.11 -6.34
C ARG A 91 -14.35 -1.45 -5.12
N LYS A 92 -13.09 -1.82 -5.39
CA LYS A 92 -12.04 -2.09 -4.36
C LYS A 92 -11.16 -0.84 -4.26
N PHE A 93 -10.89 -0.38 -3.03
CA PHE A 93 -9.95 0.73 -2.71
C PHE A 93 -8.84 0.17 -1.82
N THR A 94 -7.58 0.50 -2.13
CA THR A 94 -6.37 0.02 -1.41
C THR A 94 -5.65 1.21 -0.76
N GLY A 95 -5.23 1.05 0.49
CA GLY A 95 -4.58 2.12 1.28
C GLY A 95 -3.26 1.67 1.89
N ASP A 96 -2.27 2.57 1.91
CA ASP A 96 -0.99 2.38 2.65
C ASP A 96 -1.18 2.96 4.06
N LEU A 97 -0.77 2.22 5.09
CA LEU A 97 -0.80 2.69 6.50
C LEU A 97 0.58 3.24 6.85
N GLN A 98 0.66 4.54 7.10
CA GLN A 98 1.92 5.24 7.51
C GLN A 98 2.13 5.04 9.01
N LEU A 99 3.37 5.18 9.48
CA LEU A 99 3.72 5.00 10.91
C LEU A 99 2.99 6.05 11.77
N ASP A 100 2.67 7.22 11.20
CA ASP A 100 1.98 8.33 11.91
C ASP A 100 0.46 8.07 11.97
N GLY A 101 -0.03 6.98 11.38
CA GLY A 101 -1.43 6.56 11.45
C GLY A 101 -2.28 7.10 10.31
N ARG A 102 -1.69 7.91 9.42
CA ARG A 102 -2.38 8.47 8.23
C ARG A 102 -2.47 7.39 7.14
N ILE A 103 -3.45 7.50 6.24
CA ILE A 103 -3.76 6.51 5.17
C ILE A 103 -3.48 7.16 3.81
N VAL A 104 -2.68 6.49 2.97
CA VAL A 104 -2.43 6.90 1.55
C VAL A 104 -3.34 6.04 0.66
N TRP A 105 -4.31 6.67 -0.01
CA TRP A 105 -5.12 6.01 -1.06
C TRP A 105 -4.24 5.79 -2.29
N GLN A 106 -3.95 4.52 -2.61
CA GLN A 106 -2.95 4.13 -3.64
C GLN A 106 -3.28 4.76 -4.99
N GLU A 107 -4.57 4.85 -5.35
CA GLU A 107 -5.03 5.23 -6.71
C GLU A 107 -4.60 6.68 -7.03
N THR A 108 -4.74 7.59 -6.07
CA THR A 108 -4.49 9.06 -6.26
C THR A 108 -3.30 9.55 -5.43
N GLY A 109 -2.88 8.80 -4.41
CA GLY A 109 -1.83 9.21 -3.46
C GLY A 109 -2.32 10.21 -2.44
N GLN A 110 -3.62 10.49 -2.42
CA GLN A 110 -4.24 11.44 -1.45
C GLN A 110 -4.09 10.86 -0.03
N VAL A 111 -3.65 11.67 0.92
CA VAL A 111 -3.41 11.28 2.34
C VAL A 111 -4.66 11.64 3.15
N PHE A 112 -5.19 10.68 3.92
CA PHE A 112 -6.36 10.84 4.80
C PHE A 112 -5.92 10.68 6.26
N ASN A 113 -6.59 11.39 7.17
CA ASN A 113 -6.18 11.49 8.60
C ASN A 113 -6.82 10.37 9.42
N SER A 114 -7.83 9.68 8.88
CA SER A 114 -8.61 8.64 9.60
C SER A 114 -9.22 7.63 8.63
N PRO A 115 -9.54 6.41 9.12
CA PRO A 115 -10.32 5.45 8.34
C PRO A 115 -11.65 6.02 7.80
N SER A 116 -12.37 6.75 8.66
CA SER A 116 -13.68 7.38 8.35
C SER A 116 -13.53 8.37 7.19
N ALA A 117 -12.51 9.24 7.24
CA ALA A 117 -12.22 10.27 6.21
C ALA A 117 -11.99 9.57 4.86
N TRP A 118 -11.16 8.53 4.84
CA TRP A 118 -10.83 7.75 3.61
C TRP A 118 -12.09 7.03 3.10
N ALA A 119 -12.83 6.38 3.99
CA ALA A 119 -14.02 5.56 3.66
C ALA A 119 -15.12 6.45 3.06
N THR A 120 -15.41 7.62 3.66
CA THR A 120 -16.48 8.54 3.20
C THR A 120 -16.12 9.07 1.80
N HIS A 121 -14.86 9.43 1.58
CA HIS A 121 -14.35 9.93 0.27
C HIS A 121 -14.57 8.86 -0.81
N CYS A 122 -14.09 7.63 -0.57
CA CYS A 122 -14.12 6.49 -1.52
C CYS A 122 -15.57 6.10 -1.87
N LYS A 123 -16.45 6.05 -0.88
CA LYS A 123 -17.86 5.61 -1.06
C LYS A 123 -18.67 6.67 -1.82
N LYS A 124 -18.36 7.97 -1.62
CA LYS A 124 -19.06 9.10 -2.28
C LYS A 124 -18.77 9.09 -3.79
N LEU A 125 -17.58 8.65 -4.21
CA LEU A 125 -17.20 8.53 -5.64
C LEU A 125 -18.09 7.49 -6.32
N VAL A 126 -18.45 6.42 -5.60
CA VAL A 126 -19.31 5.30 -6.11
C VAL A 126 -20.79 5.70 -5.98
N ASN A 127 -21.18 6.22 -4.80
CA ASN A 127 -22.57 6.56 -4.43
C ASN A 127 -22.59 7.90 -3.71
N PRO A 128 -22.71 9.04 -4.44
CA PRO A 128 -22.69 10.38 -3.81
C PRO A 128 -23.74 10.64 -2.73
N ALA A 129 -24.79 9.82 -2.66
CA ALA A 129 -25.87 9.89 -1.63
C ALA A 129 -25.32 9.49 -0.26
N LYS A 130 -24.49 8.44 -0.20
CA LYS A 130 -23.92 7.88 1.05
C LYS A 130 -23.22 9.00 1.83
N LYS A 131 -23.69 9.28 3.05
CA LYS A 131 -23.15 10.34 3.94
N GLY A 135 -16.50 3.79 8.73
CA GLY A 135 -15.03 3.84 8.62
C GLY A 135 -14.37 2.59 9.20
N TRP A 136 -14.55 2.36 10.50
CA TRP A 136 -13.89 1.24 11.24
C TRP A 136 -14.59 -0.10 10.94
N ALA A 137 -15.82 -0.06 10.41
CA ALA A 137 -16.61 -1.24 10.00
C ALA A 137 -16.27 -1.64 8.56
N SER A 138 -16.03 -0.65 7.69
CA SER A 138 -15.81 -0.82 6.22
C SER A 138 -14.33 -1.10 5.90
N VAL A 139 -13.42 -0.37 6.54
CA VAL A 139 -11.95 -0.49 6.29
C VAL A 139 -11.45 -1.79 6.93
N LYS A 140 -10.70 -2.59 6.17
CA LYS A 140 -10.13 -3.89 6.61
C LYS A 140 -8.61 -3.79 6.59
N TYR A 141 -7.96 -4.37 7.60
CA TYR A 141 -6.48 -4.53 7.71
C TYR A 141 -6.14 -6.00 7.49
N LYS A 142 -5.50 -6.31 6.36
CA LYS A 142 -5.13 -7.68 5.96
C LYS A 142 -6.34 -8.60 6.14
N GLY A 143 -7.50 -8.19 5.61
CA GLY A 143 -8.72 -9.02 5.50
C GLY A 143 -9.60 -9.01 6.75
N GLN A 144 -9.23 -8.30 7.82
CA GLN A 144 -10.01 -8.19 9.08
C GLN A 144 -10.46 -6.74 9.29
N LYS A 145 -11.72 -6.54 9.68
CA LYS A 145 -12.31 -5.20 9.98
C LYS A 145 -11.48 -4.53 11.08
N LEU A 146 -11.19 -3.23 10.92
CA LEU A 146 -10.40 -2.42 11.90
C LEU A 146 -11.08 -2.44 13.27
N ASP A 147 -12.42 -2.48 13.30
CA ASP A 147 -13.25 -2.59 14.54
C ASP A 147 -12.76 -3.75 15.41
N LYS A 148 -12.31 -4.85 14.80
CA LYS A 148 -11.80 -6.07 15.49
C LYS A 148 -10.51 -5.73 16.25
N TYR A 149 -9.69 -4.81 15.73
CA TYR A 149 -8.40 -4.38 16.33
C TYR A 149 -8.66 -3.37 17.45
N LYS A 150 -9.64 -2.48 17.27
CA LYS A 150 -10.11 -1.54 18.31
C LYS A 150 -10.58 -2.33 19.53
N ALA A 151 -11.52 -3.26 19.34
CA ALA A 151 -12.08 -4.14 20.38
C ALA A 151 -10.94 -4.94 21.08
N ALA A 152 -9.98 -5.44 20.29
CA ALA A 152 -8.82 -6.23 20.77
C ALA A 152 -7.91 -5.36 21.63
N TRP A 153 -7.75 -4.08 21.31
CA TRP A 153 -6.95 -3.10 22.11
C TRP A 153 -7.61 -2.88 23.47
N LEU A 154 -8.94 -2.68 23.48
CA LEU A 154 -9.75 -2.46 24.71
C LEU A 154 -9.65 -3.68 25.62
N ARG A 155 -9.82 -4.88 25.07
CA ARG A 155 -9.76 -6.17 25.80
C ARG A 155 -8.33 -6.43 26.31
N ARG A 156 -7.31 -5.85 25.68
CA ARG A 156 -5.88 -5.97 26.07
C ARG A 156 -5.53 -4.88 27.08
N HIS A 157 -6.11 -3.67 26.94
CA HIS A 157 -5.90 -2.50 27.82
C HIS A 157 -4.46 -1.99 27.67
N ARG B 63 -2.55 17.43 0.42
CA ARG B 63 -1.60 16.41 0.99
C ARG B 63 -1.64 15.15 0.12
N ARG B 64 -0.57 14.90 -0.63
CA ARG B 64 -0.44 13.74 -1.57
C ARG B 64 0.93 13.07 -1.37
N ALA B 65 0.96 11.74 -1.33
CA ALA B 65 2.17 10.91 -1.23
C ALA B 65 2.36 10.12 -2.53
N VAL B 66 3.56 9.59 -2.76
CA VAL B 66 3.93 8.87 -4.01
C VAL B 66 3.51 7.40 -3.90
N THR B 67 2.84 6.91 -4.94
CA THR B 67 2.47 5.48 -5.15
C THR B 67 2.81 5.14 -6.60
N LEU B 68 2.88 3.84 -6.94
CA LEU B 68 3.15 3.40 -8.33
C LEU B 68 2.10 4.01 -9.27
N ARG B 69 0.83 4.07 -8.84
CA ARG B 69 -0.29 4.57 -9.67
C ARG B 69 -0.07 6.06 -9.96
N VAL B 70 0.34 6.83 -8.94
CA VAL B 70 0.63 8.29 -9.09
C VAL B 70 1.74 8.45 -10.14
N LEU B 71 2.80 7.63 -10.07
CA LEU B 71 3.96 7.71 -10.99
C LEU B 71 3.53 7.36 -12.42
N LEU B 72 2.66 6.34 -12.57
CA LEU B 72 2.09 5.92 -13.87
C LEU B 72 1.25 7.06 -14.47
N LYS B 73 0.44 7.73 -13.65
CA LYS B 73 -0.50 8.80 -14.09
C LYS B 73 0.28 10.00 -14.63
N ASP B 74 1.38 10.39 -13.98
CA ASP B 74 2.22 11.55 -14.38
C ASP B 74 3.34 11.09 -15.34
N GLU B 75 3.26 9.84 -15.82
CA GLU B 75 4.04 9.29 -16.96
C GLU B 75 5.54 9.22 -16.64
N LEU B 76 5.92 9.14 -15.36
CA LEU B 76 7.33 8.90 -14.94
C LEU B 76 7.66 7.41 -15.14
N LEU B 77 6.66 6.54 -15.03
CA LEU B 77 6.76 5.09 -15.30
C LEU B 77 5.80 4.73 -16.44
N GLU B 78 6.16 3.74 -17.25
CA GLU B 78 5.25 3.09 -18.22
C GLU B 78 5.03 1.65 -17.78
N PRO B 79 3.80 1.10 -17.93
CA PRO B 79 3.55 -0.29 -17.60
C PRO B 79 4.27 -1.19 -18.61
N GLY B 80 4.41 -2.49 -18.31
CA GLY B 80 5.00 -3.46 -19.25
C GLY B 80 5.48 -4.72 -18.55
N GLU B 81 5.95 -5.69 -19.35
CA GLU B 81 6.46 -6.99 -18.88
C GLU B 81 7.94 -6.86 -18.50
N GLY B 82 8.32 -7.37 -17.32
CA GLY B 82 9.72 -7.51 -16.87
C GLY B 82 10.42 -6.17 -16.64
N VAL B 83 9.66 -5.10 -16.40
CA VAL B 83 10.22 -3.72 -16.25
C VAL B 83 10.67 -3.49 -14.80
N LEU B 84 10.26 -4.35 -13.86
CA LEU B 84 10.67 -4.27 -12.43
C LEU B 84 11.61 -5.45 -12.11
N SER B 85 12.60 -5.21 -11.27
CA SER B 85 13.64 -6.21 -10.89
C SER B 85 14.08 -6.00 -9.43
N ILE B 86 14.40 -7.11 -8.75
CA ILE B 86 15.12 -7.14 -7.45
C ILE B 86 16.35 -8.04 -7.64
N TYR B 87 17.54 -7.55 -7.29
CA TYR B 87 18.79 -8.35 -7.15
C TYR B 87 19.15 -8.40 -5.67
N TYR B 88 19.27 -9.61 -5.12
CA TYR B 88 19.48 -9.86 -3.67
C TYR B 88 20.12 -11.24 -3.47
N LEU B 89 21.31 -11.27 -2.85
CA LEU B 89 22.10 -12.49 -2.54
C LEU B 89 22.24 -13.36 -3.80
N GLY B 90 22.64 -12.75 -4.92
CA GLY B 90 22.96 -13.41 -6.19
C GLY B 90 21.74 -13.89 -6.96
N ARG B 91 20.53 -13.52 -6.52
CA ARG B 91 19.24 -13.97 -7.12
C ARG B 91 18.51 -12.74 -7.70
N LYS B 92 18.03 -12.86 -8.93
CA LYS B 92 17.28 -11.80 -9.67
C LYS B 92 15.81 -12.19 -9.77
N PHE B 93 14.92 -11.31 -9.29
CA PHE B 93 13.45 -11.45 -9.39
C PHE B 93 12.92 -10.38 -10.36
N THR B 94 12.13 -10.79 -11.35
CA THR B 94 11.61 -9.93 -12.43
C THR B 94 10.08 -9.79 -12.27
N GLY B 95 9.57 -8.56 -12.37
CA GLY B 95 8.14 -8.23 -12.19
C GLY B 95 7.57 -7.47 -13.37
N ASP B 96 6.27 -7.67 -13.64
CA ASP B 96 5.49 -6.86 -14.62
C ASP B 96 4.77 -5.74 -13.85
N LEU B 97 4.82 -4.51 -14.35
CA LEU B 97 4.06 -3.37 -13.78
C LEU B 97 2.73 -3.26 -14.54
N GLN B 98 1.62 -3.41 -13.83
CA GLN B 98 0.24 -3.26 -14.38
C GLN B 98 -0.13 -1.77 -14.36
N LEU B 99 -1.09 -1.38 -15.20
CA LEU B 99 -1.61 0.00 -15.32
C LEU B 99 -2.29 0.42 -14.00
N ASP B 100 -2.78 -0.54 -13.21
CA ASP B 100 -3.43 -0.28 -11.90
C ASP B 100 -2.36 -0.14 -10.80
N GLY B 101 -1.08 -0.30 -11.13
CA GLY B 101 0.05 -0.05 -10.20
C GLY B 101 0.42 -1.30 -9.40
N ARG B 102 -0.22 -2.43 -9.65
CA ARG B 102 0.11 -3.73 -9.01
C ARG B 102 1.25 -4.38 -9.79
N ILE B 103 1.93 -5.35 -9.15
CA ILE B 103 3.13 -6.04 -9.69
C ILE B 103 2.82 -7.53 -9.83
N VAL B 104 3.07 -8.10 -11.02
CA VAL B 104 3.03 -9.56 -11.28
C VAL B 104 4.45 -10.09 -11.19
N TRP B 105 4.75 -10.93 -10.18
CA TRP B 105 6.01 -11.72 -10.11
C TRP B 105 5.96 -12.79 -11.20
N GLN B 106 6.90 -12.74 -12.14
CA GLN B 106 6.89 -13.57 -13.38
C GLN B 106 6.97 -15.06 -13.02
N GLU B 107 7.74 -15.44 -12.00
CA GLU B 107 8.01 -16.85 -11.64
C GLU B 107 6.69 -17.59 -11.37
N THR B 108 5.82 -17.02 -10.54
CA THR B 108 4.59 -17.68 -10.01
C THR B 108 3.30 -17.06 -10.57
N GLY B 109 3.38 -15.85 -11.15
CA GLY B 109 2.19 -15.09 -11.60
C GLY B 109 1.43 -14.46 -10.45
N GLN B 110 1.97 -14.52 -9.23
CA GLN B 110 1.39 -13.89 -8.01
C GLN B 110 1.35 -12.38 -8.20
N VAL B 111 0.26 -11.74 -7.78
CA VAL B 111 0.03 -10.27 -7.90
C VAL B 111 0.26 -9.64 -6.51
N PHE B 112 1.09 -8.61 -6.44
CA PHE B 112 1.42 -7.86 -5.21
C PHE B 112 0.89 -6.42 -5.34
N ASN B 113 0.43 -5.85 -4.23
CA ASN B 113 -0.22 -4.51 -4.15
C ASN B 113 0.81 -3.40 -4.04
N SER B 114 2.09 -3.72 -3.85
CA SER B 114 3.16 -2.72 -3.60
C SER B 114 4.56 -3.30 -3.88
N PRO B 115 5.56 -2.42 -4.14
CA PRO B 115 6.96 -2.87 -4.21
C PRO B 115 7.43 -3.56 -2.92
N SER B 116 7.00 -3.05 -1.76
CA SER B 116 7.34 -3.58 -0.41
C SER B 116 6.85 -5.02 -0.27
N ALA B 117 5.57 -5.28 -0.54
CA ALA B 117 4.94 -6.61 -0.48
C ALA B 117 5.76 -7.59 -1.33
N TRP B 118 6.06 -7.19 -2.58
CA TRP B 118 6.83 -8.02 -3.55
C TRP B 118 8.26 -8.26 -3.04
N ALA B 119 8.96 -7.20 -2.65
CA ALA B 119 10.38 -7.24 -2.23
C ALA B 119 10.53 -8.08 -0.96
N THR B 120 9.64 -7.92 0.02
CA THR B 120 9.65 -8.68 1.31
C THR B 120 9.47 -10.17 1.01
N HIS B 121 8.48 -10.52 0.20
CA HIS B 121 8.16 -11.91 -0.21
C HIS B 121 9.41 -12.57 -0.82
N CYS B 122 9.98 -11.97 -1.86
CA CYS B 122 11.13 -12.50 -2.65
C CYS B 122 12.37 -12.64 -1.75
N LYS B 123 12.66 -11.63 -0.93
CA LYS B 123 13.88 -11.58 -0.07
C LYS B 123 13.79 -12.66 1.02
N LYS B 124 12.58 -12.96 1.50
CA LYS B 124 12.33 -14.00 2.54
C LYS B 124 12.61 -15.40 1.96
N LEU B 125 12.34 -15.61 0.66
CA LEU B 125 12.50 -16.93 -0.01
C LEU B 125 13.99 -17.29 -0.14
N VAL B 126 14.89 -16.30 -0.10
CA VAL B 126 16.37 -16.52 -0.20
C VAL B 126 17.05 -16.16 1.13
N ASN B 127 16.35 -15.54 2.07
CA ASN B 127 16.87 -15.20 3.43
C ASN B 127 15.71 -15.22 4.44
N PRO B 128 15.41 -16.39 5.06
CA PRO B 128 14.30 -16.51 6.00
C PRO B 128 14.31 -15.55 7.20
N ALA B 129 15.47 -14.94 7.52
CA ALA B 129 15.67 -14.06 8.71
C ALA B 129 15.20 -12.62 8.43
N LYS B 130 15.17 -12.20 7.16
CA LYS B 130 14.83 -10.80 6.75
C LYS B 130 13.40 -10.46 7.19
N LYS B 131 13.23 -9.31 7.84
CA LYS B 131 11.94 -8.86 8.44
N GLY B 135 9.88 -0.77 0.86
CA GLY B 135 10.77 -1.67 0.09
C GLY B 135 11.09 -1.13 -1.30
N TRP B 136 11.01 0.20 -1.47
CA TRP B 136 11.29 0.89 -2.76
C TRP B 136 12.80 0.93 -3.01
N ALA B 137 13.61 0.82 -1.95
CA ALA B 137 15.09 0.90 -1.99
C ALA B 137 15.68 -0.27 -2.78
N SER B 138 15.04 -1.44 -2.73
CA SER B 138 15.52 -2.73 -3.31
C SER B 138 14.95 -2.97 -4.71
N VAL B 139 13.89 -2.27 -5.11
CA VAL B 139 13.20 -2.48 -6.41
C VAL B 139 13.75 -1.47 -7.42
N LYS B 140 14.05 -1.95 -8.63
CA LYS B 140 14.50 -1.12 -9.77
C LYS B 140 13.45 -1.17 -10.88
N TYR B 141 13.22 -0.04 -11.54
CA TYR B 141 12.43 0.08 -12.80
C TYR B 141 13.39 0.30 -13.96
N LYS B 142 13.47 -0.65 -14.88
CA LYS B 142 14.38 -0.64 -16.06
C LYS B 142 15.79 -0.23 -15.60
N GLY B 143 16.30 -0.85 -14.53
CA GLY B 143 17.70 -0.75 -14.08
C GLY B 143 17.97 0.46 -13.18
N GLN B 144 16.95 1.23 -12.81
CA GLN B 144 17.09 2.43 -11.93
C GLN B 144 16.21 2.25 -10.69
N LYS B 145 16.75 2.55 -9.50
CA LYS B 145 16.06 2.38 -8.19
C LYS B 145 14.74 3.16 -8.22
N LEU B 146 13.64 2.53 -7.78
CA LEU B 146 12.27 3.13 -7.78
C LEU B 146 12.27 4.40 -6.95
N ASP B 147 13.04 4.42 -5.86
CA ASP B 147 13.19 5.58 -4.93
C ASP B 147 13.57 6.85 -5.71
N LYS B 148 14.33 6.72 -6.80
CA LYS B 148 14.74 7.87 -7.66
C LYS B 148 13.50 8.46 -8.34
N TYR B 149 12.53 7.63 -8.72
CA TYR B 149 11.26 8.05 -9.37
C TYR B 149 10.41 8.79 -8.34
N LYS B 150 10.38 8.32 -7.09
CA LYS B 150 9.72 9.00 -5.95
C LYS B 150 10.33 10.40 -5.78
N ALA B 151 11.66 10.49 -5.69
CA ALA B 151 12.40 11.77 -5.55
C ALA B 151 12.05 12.71 -6.70
N ALA B 152 12.08 12.21 -7.94
CA ALA B 152 11.78 12.98 -9.17
C ALA B 152 10.36 13.58 -9.07
N TRP B 153 9.38 12.81 -8.60
CA TRP B 153 7.97 13.26 -8.48
C TRP B 153 7.85 14.39 -7.44
N LEU B 154 8.47 14.21 -6.28
CA LEU B 154 8.44 15.20 -5.17
C LEU B 154 9.07 16.52 -5.65
N ARG B 155 10.16 16.46 -6.41
CA ARG B 155 10.81 17.65 -7.02
C ARG B 155 9.86 18.31 -8.03
N ARG B 156 9.16 17.51 -8.85
CA ARG B 156 8.23 18.00 -9.90
C ARG B 156 6.94 18.55 -9.26
N HIS B 157 6.54 18.02 -8.11
CA HIS B 157 5.27 18.38 -7.41
C HIS B 157 5.56 18.78 -5.95
#